data_8S48
#
_entry.id   8S48
#
_cell.length_a   41.330
_cell.length_b   64.680
_cell.length_c   128.650
_cell.angle_alpha   90.000
_cell.angle_beta   90.000
_cell.angle_gamma   90.000
#
_symmetry.space_group_name_H-M   'P 21 21 21'
#
loop_
_entity.id
_entity.type
_entity.pdbx_description
1 polymer 'Diadenylate cyclase'
2 non-polymer 2-(1H-indol-3-yl)-N-[(1-methyl-1H-pyrrol-2-yl)methyl]ethanamine
3 water water
#
_entity_poly.entity_id   1
_entity_poly.type   'polypeptide(L)'
_entity_poly.pdbx_seq_one_letter_code
;GPLGSYGSRIEREQHHLIESIEKSTQYMAKRRIGALISVARDTGMDDYIETGIPLNAKISSQLLINIFIPNTPLHDGAVI
IKGNEIASAASYLPLSDSPFLSKELGTRHRAALGISEVTDSITIVVSEETGGISLTKGGELFRDVSEEELHKILLKELVT
VTAKKPSIFSKWKGGKSE
;
_entity_poly.pdbx_strand_id   A,B
#
loop_
_chem_comp.id
_chem_comp.type
_chem_comp.name
_chem_comp.formula
4AQ non-polymer 2-(1H-indol-3-yl)-N-[(1-methyl-1H-pyrrol-2-yl)methyl]ethanamine 'C16 H19 N3'
#
# COMPACT_ATOMS: atom_id res chain seq x y z
N SER A 5 -1.87 22.79 15.80
CA SER A 5 -0.68 21.95 15.91
C SER A 5 0.26 22.16 14.72
N TYR A 6 1.44 22.71 15.01
CA TYR A 6 2.39 23.07 13.96
C TYR A 6 3.73 22.40 14.19
N GLY A 7 4.61 23.01 14.97
CA GLY A 7 5.85 22.35 15.36
C GLY A 7 5.60 21.09 16.16
N SER A 8 4.58 21.11 17.03
CA SER A 8 4.25 19.94 17.83
C SER A 8 3.60 18.84 17.00
N ARG A 9 2.84 19.21 15.97
CA ARG A 9 2.33 18.22 15.03
C ARG A 9 3.46 17.55 14.28
N ILE A 10 4.52 18.30 13.98
CA ILE A 10 5.66 17.73 13.25
C ILE A 10 6.33 16.64 14.08
N GLU A 11 6.50 16.89 15.40
CA GLU A 11 7.19 15.91 16.21
C GLU A 11 6.39 14.63 16.34
N ARG A 12 5.05 14.75 16.43
CA ARG A 12 4.22 13.55 16.44
C ARG A 12 4.40 12.78 15.14
N GLU A 13 4.49 13.49 14.02
CA GLU A 13 4.71 12.84 12.73
C GLU A 13 6.07 12.16 12.66
N GLN A 14 7.11 12.83 13.17
CA GLN A 14 8.45 12.26 13.07
C GLN A 14 8.57 11.03 13.96
N HIS A 15 7.96 11.07 15.15
CA HIS A 15 8.03 9.90 16.00
C HIS A 15 7.21 8.75 15.44
N HIS A 16 6.08 9.05 14.79
CA HIS A 16 5.33 8.01 14.11
C HIS A 16 6.12 7.43 12.94
N LEU A 17 6.86 8.27 12.23
CA LEU A 17 7.73 7.77 11.16
C LEU A 17 8.79 6.81 11.72
N ILE A 18 9.45 7.21 12.80
CA ILE A 18 10.45 6.34 13.43
C ILE A 18 9.83 5.01 13.83
N GLU A 19 8.72 5.05 14.56
CA GLU A 19 8.06 3.83 15.01
C GLU A 19 7.63 2.97 13.81
N SER A 20 7.16 3.61 12.73
CA SER A 20 6.74 2.88 11.54
C SER A 20 7.92 2.14 10.90
N ILE A 21 9.07 2.79 10.83
CA ILE A 21 10.28 2.12 10.35
C ILE A 21 10.70 1.01 11.30
N GLU A 22 10.66 1.27 12.61
CA GLU A 22 11.12 0.25 13.54
C GLU A 22 10.25 -1.00 13.46
N LYS A 23 8.91 -0.83 13.49
CA LYS A 23 8.01 -1.99 13.47
C LYS A 23 8.13 -2.76 12.16
N SER A 24 8.13 -2.06 11.03
CA SER A 24 8.14 -2.75 9.75
C SER A 24 9.47 -3.46 9.51
N THR A 25 10.60 -2.81 9.82
CA THR A 25 11.87 -3.50 9.60
C THR A 25 12.02 -4.67 10.56
N GLN A 26 11.50 -4.56 11.80
CA GLN A 26 11.57 -5.73 12.68
C GLN A 26 10.77 -6.88 12.10
N TYR A 27 9.56 -6.60 11.58
CA TYR A 27 8.73 -7.64 10.99
C TYR A 27 9.44 -8.29 9.81
N MET A 28 10.03 -7.46 8.94
CA MET A 28 10.67 -7.97 7.74
C MET A 28 11.99 -8.67 8.07
N ALA A 29 12.73 -8.16 9.05
CA ALA A 29 13.99 -8.80 9.42
C ALA A 29 13.78 -10.22 9.93
N LYS A 30 12.74 -10.42 10.75
CA LYS A 30 12.45 -11.75 11.27
C LYS A 30 12.13 -12.75 10.16
N ARG A 31 11.50 -12.30 9.08
CA ARG A 31 11.11 -13.15 7.97
C ARG A 31 12.09 -13.07 6.80
N ARG A 32 13.21 -12.39 7.00
CA ARG A 32 14.22 -12.22 5.96
C ARG A 32 13.60 -11.70 4.66
N ILE A 33 12.74 -10.69 4.79
CA ILE A 33 12.19 -9.97 3.65
C ILE A 33 13.07 -8.75 3.39
N GLY A 34 13.66 -8.68 2.19
CA GLY A 34 14.50 -7.54 1.87
C GLY A 34 13.70 -6.25 1.78
N ALA A 35 14.30 -5.15 2.24
CA ALA A 35 13.62 -3.87 2.19
C ALA A 35 14.64 -2.74 2.02
N LEU A 36 14.16 -1.63 1.50
CA LEU A 36 15.01 -0.49 1.18
C LEU A 36 14.14 0.76 1.31
N ILE A 37 14.39 1.57 2.34
CA ILE A 37 13.55 2.69 2.69
C ILE A 37 14.41 3.91 2.81
N SER A 38 14.20 4.90 1.94
CA SER A 38 14.99 6.13 1.98
C SER A 38 14.10 7.28 2.42
N VAL A 39 14.53 7.99 3.46
CA VAL A 39 13.80 9.13 4.00
C VAL A 39 14.50 10.39 3.52
N ALA A 40 13.82 11.17 2.68
CA ALA A 40 14.37 12.43 2.20
C ALA A 40 14.49 13.40 3.36
N ARG A 41 15.56 14.22 3.33
CA ARG A 41 15.64 15.33 4.26
C ARG A 41 15.79 16.59 3.41
N ASP A 42 16.86 17.37 3.58
CA ASP A 42 16.93 18.67 2.91
C ASP A 42 17.17 18.55 1.41
N THR A 43 17.90 17.52 0.97
CA THR A 43 18.15 17.35 -0.47
C THR A 43 16.92 16.73 -1.12
N GLY A 44 16.37 17.42 -2.12
CA GLY A 44 15.21 16.89 -2.81
C GLY A 44 15.53 15.56 -3.49
N MET A 45 14.56 14.66 -3.47
CA MET A 45 14.68 13.37 -4.14
C MET A 45 13.55 13.14 -5.13
N ASP A 46 12.97 14.21 -5.65
CA ASP A 46 11.87 14.07 -6.59
C ASP A 46 12.31 13.31 -7.84
N ASP A 47 13.61 13.42 -8.19
N ASP A 47 13.59 13.44 -8.23
CA ASP A 47 14.11 12.74 -9.38
CA ASP A 47 14.05 12.70 -9.39
C ASP A 47 14.13 11.22 -9.21
C ASP A 47 13.91 11.20 -9.16
N TYR A 48 14.30 10.73 -7.98
CA TYR A 48 14.19 9.30 -7.72
C TYR A 48 12.76 8.87 -7.43
N ILE A 49 11.95 9.77 -6.85
CA ILE A 49 10.53 9.44 -6.63
C ILE A 49 9.85 9.19 -7.97
N GLU A 50 10.23 9.95 -9.01
CA GLU A 50 9.61 9.81 -10.32
C GLU A 50 9.87 8.43 -10.94
N THR A 51 10.91 7.72 -10.53
CA THR A 51 11.19 6.38 -11.07
C THR A 51 10.27 5.32 -10.48
N GLY A 52 9.60 5.60 -9.37
CA GLY A 52 8.82 4.61 -8.68
C GLY A 52 7.35 4.65 -9.07
N ILE A 53 6.56 3.89 -8.34
CA ILE A 53 5.11 3.89 -8.49
C ILE A 53 4.56 4.85 -7.45
N PRO A 54 3.81 5.87 -7.85
CA PRO A 54 3.36 6.89 -6.88
C PRO A 54 2.33 6.30 -5.93
N LEU A 55 2.57 6.49 -4.62
CA LEU A 55 1.60 6.13 -3.59
C LEU A 55 1.00 7.33 -2.88
N ASN A 56 1.82 8.32 -2.56
CA ASN A 56 1.41 9.51 -1.81
C ASN A 56 0.56 9.13 -0.61
N ALA A 57 1.07 8.16 0.18
CA ALA A 57 0.26 7.49 1.18
C ALA A 57 0.67 7.86 2.60
N LYS A 58 -0.29 7.77 3.52
CA LYS A 58 0.00 7.86 4.93
C LYS A 58 1.06 6.84 5.32
N ILE A 59 1.97 7.26 6.19
CA ILE A 59 3.00 6.36 6.69
C ILE A 59 2.37 5.44 7.73
N SER A 60 2.62 4.14 7.60
CA SER A 60 2.24 3.17 8.62
C SER A 60 3.18 1.98 8.51
N SER A 61 3.40 1.30 9.64
CA SER A 61 4.20 0.08 9.58
C SER A 61 3.54 -0.96 8.68
N GLN A 62 2.20 -1.01 8.70
CA GLN A 62 1.49 -2.01 7.93
C GLN A 62 1.70 -1.82 6.43
N LEU A 63 1.57 -0.58 5.95
CA LEU A 63 1.77 -0.33 4.52
C LEU A 63 3.22 -0.59 4.11
N LEU A 64 4.18 -0.21 4.95
CA LEU A 64 5.57 -0.50 4.62
C LEU A 64 5.78 -2.01 4.45
N ILE A 65 5.24 -2.80 5.39
CA ILE A 65 5.34 -4.26 5.28
C ILE A 65 4.69 -4.76 4.00
N ASN A 66 3.44 -4.37 3.76
CA ASN A 66 2.76 -4.85 2.56
C ASN A 66 3.52 -4.51 1.28
N ILE A 67 4.20 -3.37 1.25
CA ILE A 67 4.91 -2.96 0.02
C ILE A 67 5.99 -3.98 -0.35
N PHE A 68 6.74 -4.45 0.64
CA PHE A 68 7.95 -5.21 0.36
C PHE A 68 7.73 -6.71 0.24
N ILE A 69 6.51 -7.19 0.41
CA ILE A 69 6.22 -8.60 0.27
C ILE A 69 6.78 -9.08 -1.07
N PRO A 70 7.56 -10.17 -1.09
CA PRO A 70 8.25 -10.56 -2.33
C PRO A 70 7.29 -10.89 -3.47
N ASN A 71 7.78 -10.65 -4.69
CA ASN A 71 7.06 -10.99 -5.93
C ASN A 71 5.70 -10.30 -6.00
N THR A 72 5.64 -9.07 -5.51
CA THR A 72 4.44 -8.26 -5.59
C THR A 72 4.71 -7.01 -6.41
N PRO A 73 3.66 -6.34 -6.90
CA PRO A 73 3.86 -5.19 -7.79
C PRO A 73 4.68 -4.05 -7.20
N LEU A 74 4.70 -3.83 -5.89
CA LEU A 74 5.40 -2.68 -5.32
C LEU A 74 6.79 -3.00 -4.76
N HIS A 75 7.22 -4.27 -4.74
CA HIS A 75 8.38 -4.63 -3.92
C HIS A 75 9.72 -4.35 -4.57
N ASP A 76 9.78 -4.23 -5.90
CA ASP A 76 11.07 -4.33 -6.61
C ASP A 76 11.76 -2.96 -6.69
N GLY A 77 12.23 -2.52 -5.54
CA GLY A 77 13.01 -1.29 -5.46
C GLY A 77 12.84 -0.66 -4.09
N ALA A 78 13.02 0.65 -4.06
CA ALA A 78 13.06 1.40 -2.83
C ALA A 78 11.73 2.13 -2.57
N VAL A 79 11.34 2.18 -1.30
CA VAL A 79 10.35 3.14 -0.85
C VAL A 79 11.05 4.45 -0.55
N ILE A 80 10.47 5.57 -1.00
CA ILE A 80 10.98 6.90 -0.66
C ILE A 80 9.89 7.63 0.13
N ILE A 81 10.29 8.13 1.31
CA ILE A 81 9.39 8.87 2.19
C ILE A 81 9.75 10.34 2.08
N LYS A 82 8.74 11.19 1.84
CA LYS A 82 9.00 12.61 1.62
C LYS A 82 7.98 13.41 2.40
N GLY A 83 8.48 14.31 3.22
CA GLY A 83 7.66 14.98 4.22
C GLY A 83 7.05 13.94 5.13
N ASN A 84 5.73 13.87 5.06
N ASN A 84 5.71 13.88 5.11
CA ASN A 84 4.95 12.98 5.91
CA ASN A 84 4.95 12.96 5.95
C ASN A 84 4.17 11.97 5.09
C ASN A 84 4.18 11.94 5.11
N GLU A 85 4.71 11.56 3.95
CA GLU A 85 4.06 10.61 3.08
C GLU A 85 5.03 9.54 2.60
N ILE A 86 4.48 8.35 2.35
CA ILE A 86 5.20 7.39 1.51
C ILE A 86 4.99 7.86 0.07
N ALA A 87 6.02 8.46 -0.54
CA ALA A 87 5.82 9.08 -1.84
C ALA A 87 5.72 8.03 -2.94
N SER A 88 6.62 7.06 -2.94
CA SER A 88 6.70 6.12 -4.05
C SER A 88 7.26 4.80 -3.53
N ALA A 89 6.96 3.74 -4.25
CA ALA A 89 7.55 2.44 -4.02
C ALA A 89 8.19 1.95 -5.32
N ALA A 90 9.01 0.91 -5.21
CA ALA A 90 9.71 0.35 -6.37
C ALA A 90 10.54 1.42 -7.11
N SER A 91 11.13 2.33 -6.34
CA SER A 91 11.95 3.40 -6.90
C SER A 91 13.39 2.97 -7.11
N TYR A 92 14.02 3.56 -8.11
CA TYR A 92 15.45 3.41 -8.29
C TYR A 92 16.22 4.27 -7.30
N LEU A 93 17.38 3.76 -6.86
CA LEU A 93 18.37 4.55 -6.16
C LEU A 93 19.72 4.27 -6.81
N PRO A 94 20.58 5.27 -6.93
CA PRO A 94 21.83 5.06 -7.67
C PRO A 94 22.77 4.16 -6.90
N LEU A 95 23.50 3.31 -7.64
CA LEU A 95 24.41 2.38 -7.01
C LEU A 95 25.76 3.04 -6.76
N SER A 96 26.23 2.95 -5.51
CA SER A 96 27.59 3.41 -5.21
C SER A 96 28.59 2.62 -6.04
N ASP A 97 29.65 3.30 -6.49
CA ASP A 97 30.78 2.62 -7.10
C ASP A 97 31.87 2.26 -6.08
N SER A 98 31.60 2.41 -4.79
CA SER A 98 32.65 2.25 -3.79
C SER A 98 33.18 0.83 -3.78
N PRO A 99 34.49 0.63 -3.87
CA PRO A 99 35.07 -0.69 -3.64
C PRO A 99 35.20 -1.03 -2.18
N PHE A 100 34.87 -0.09 -1.29
CA PHE A 100 34.99 -0.34 0.14
C PHE A 100 33.81 -1.08 0.68
N LEU A 101 32.69 -1.08 -0.06
CA LEU A 101 31.50 -1.80 0.40
C LEU A 101 31.76 -3.29 0.26
N SER A 102 31.56 -4.02 1.36
CA SER A 102 31.82 -5.46 1.38
C SER A 102 31.11 -6.16 0.23
N LYS A 103 31.83 -7.09 -0.40
CA LYS A 103 31.25 -7.88 -1.47
C LYS A 103 30.17 -8.84 -1.00
N GLU A 104 30.03 -9.06 0.31
CA GLU A 104 28.92 -9.91 0.75
C GLU A 104 27.62 -9.14 0.95
N LEU A 105 27.61 -7.83 0.71
CA LEU A 105 26.40 -7.04 0.75
C LEU A 105 25.87 -6.82 -0.65
N GLY A 106 24.56 -6.93 -0.82
CA GLY A 106 23.94 -6.94 -2.12
C GLY A 106 23.57 -5.57 -2.64
N THR A 107 22.78 -5.59 -3.73
CA THR A 107 22.35 -4.38 -4.42
C THR A 107 21.57 -3.42 -3.52
N ARG A 108 20.79 -3.93 -2.55
CA ARG A 108 20.09 -2.99 -1.68
C ARG A 108 21.09 -2.11 -0.93
N HIS A 109 22.14 -2.72 -0.37
CA HIS A 109 23.13 -1.96 0.36
C HIS A 109 23.87 -1.00 -0.56
N ARG A 110 24.23 -1.45 -1.77
CA ARG A 110 24.95 -0.57 -2.69
C ARG A 110 24.07 0.60 -3.13
N ALA A 111 22.78 0.37 -3.31
CA ALA A 111 21.86 1.45 -3.65
C ALA A 111 21.68 2.41 -2.47
N ALA A 112 21.51 1.87 -1.25
CA ALA A 112 21.44 2.77 -0.10
C ALA A 112 22.71 3.59 0.05
N LEU A 113 23.87 2.97 -0.18
CA LEU A 113 25.12 3.75 -0.08
C LEU A 113 25.17 4.80 -1.19
N GLY A 114 24.75 4.42 -2.40
CA GLY A 114 24.76 5.35 -3.52
C GLY A 114 23.93 6.60 -3.25
N ILE A 115 22.66 6.42 -2.81
CA ILE A 115 21.86 7.63 -2.56
C ILE A 115 22.45 8.45 -1.42
N SER A 116 23.08 7.79 -0.44
CA SER A 116 23.65 8.50 0.69
C SER A 116 24.85 9.35 0.30
N GLU A 117 25.45 9.09 -0.88
CA GLU A 117 26.62 9.85 -1.32
C GLU A 117 26.24 11.13 -2.05
N VAL A 118 25.00 11.25 -2.52
CA VAL A 118 24.57 12.42 -3.29
C VAL A 118 23.38 13.11 -2.66
N THR A 119 22.90 12.65 -1.50
CA THR A 119 21.84 13.32 -0.77
C THR A 119 22.17 13.27 0.71
N ASP A 120 21.42 14.06 1.49
CA ASP A 120 21.45 13.95 2.94
C ASP A 120 20.36 13.02 3.48
N SER A 121 19.93 12.04 2.68
N SER A 121 19.89 12.07 2.66
CA SER A 121 18.82 11.17 3.07
CA SER A 121 18.81 11.23 3.15
C SER A 121 19.29 10.02 3.97
C SER A 121 19.34 10.24 4.18
N ILE A 122 18.40 9.60 4.88
CA ILE A 122 18.67 8.48 5.77
C ILE A 122 18.00 7.27 5.14
N THR A 123 18.78 6.24 4.86
CA THR A 123 18.25 5.06 4.17
C THR A 123 18.48 3.82 5.03
N ILE A 124 17.43 2.99 5.11
CA ILE A 124 17.41 1.80 5.96
C ILE A 124 17.30 0.58 5.05
N VAL A 125 18.11 -0.42 5.31
CA VAL A 125 18.11 -1.64 4.51
C VAL A 125 17.82 -2.82 5.43
N VAL A 126 16.95 -3.72 4.97
CA VAL A 126 16.80 -5.04 5.57
C VAL A 126 17.38 -6.04 4.58
N SER A 127 18.35 -6.83 5.04
CA SER A 127 18.98 -7.83 4.19
C SER A 127 18.08 -9.06 4.06
N GLU A 128 17.80 -9.45 2.83
CA GLU A 128 17.03 -10.68 2.66
C GLU A 128 17.87 -11.92 2.89
N GLU A 129 19.19 -11.77 2.97
CA GLU A 129 20.07 -12.92 3.17
C GLU A 129 20.28 -13.21 4.65
N THR A 130 20.38 -12.18 5.49
CA THR A 130 20.70 -12.32 6.90
C THR A 130 19.62 -11.81 7.84
N GLY A 131 18.69 -10.98 7.36
CA GLY A 131 17.79 -10.26 8.24
C GLY A 131 18.44 -9.09 8.96
N GLY A 132 19.72 -8.84 8.74
CA GLY A 132 20.36 -7.71 9.39
C GLY A 132 19.82 -6.40 8.87
N ILE A 133 19.77 -5.42 9.76
CA ILE A 133 19.29 -4.09 9.41
C ILE A 133 20.48 -3.16 9.29
N SER A 134 20.57 -2.43 8.19
CA SER A 134 21.68 -1.50 8.03
C SER A 134 21.13 -0.12 7.71
N LEU A 135 21.96 0.90 7.92
CA LEU A 135 21.58 2.27 7.63
C LEU A 135 22.71 2.99 6.87
N THR A 136 22.36 3.85 5.91
CA THR A 136 23.37 4.68 5.28
C THR A 136 23.05 6.16 5.46
N LYS A 137 24.11 6.96 5.53
CA LYS A 137 24.03 8.40 5.74
C LYS A 137 25.37 9.01 5.37
N GLY A 138 25.34 10.00 4.48
CA GLY A 138 26.55 10.73 4.10
C GLY A 138 27.68 9.87 3.59
N GLY A 139 27.36 8.83 2.83
CA GLY A 139 28.40 7.98 2.28
C GLY A 139 28.95 6.93 3.21
N GLU A 140 28.37 6.79 4.41
CA GLU A 140 28.82 5.83 5.40
C GLU A 140 27.75 4.77 5.62
N LEU A 141 28.20 3.59 6.02
CA LEU A 141 27.31 2.46 6.27
C LEU A 141 27.35 2.08 7.74
N PHE A 142 26.19 1.86 8.32
CA PHE A 142 26.07 1.35 9.68
C PHE A 142 25.51 -0.06 9.52
N ARG A 143 26.36 -1.07 9.63
CA ARG A 143 26.01 -2.42 9.22
C ARG A 143 25.46 -3.22 10.40
N ASP A 144 24.33 -3.89 10.17
CA ASP A 144 23.76 -4.88 11.10
C ASP A 144 23.58 -4.28 12.50
N VAL A 145 22.82 -3.19 12.57
CA VAL A 145 22.62 -2.46 13.81
C VAL A 145 21.61 -3.18 14.69
N SER A 146 21.80 -3.03 16.00
CA SER A 146 20.84 -3.53 16.97
C SER A 146 19.58 -2.66 16.93
N GLU A 147 18.52 -3.18 17.56
CA GLU A 147 17.30 -2.40 17.70
C GLU A 147 17.55 -1.10 18.44
N GLU A 148 18.33 -1.18 19.53
CA GLU A 148 18.69 0.02 20.27
C GLU A 148 19.47 1.01 19.41
N GLU A 149 20.44 0.50 18.65
CA GLU A 149 21.27 1.39 17.84
C GLU A 149 20.45 2.06 16.74
N LEU A 150 19.59 1.29 16.07
CA LEU A 150 18.71 1.87 15.06
C LEU A 150 17.82 2.95 15.66
N HIS A 151 17.25 2.67 16.84
CA HIS A 151 16.39 3.63 17.50
C HIS A 151 17.10 4.96 17.76
N LYS A 152 18.32 4.90 18.31
CA LYS A 152 19.05 6.13 18.63
C LYS A 152 19.38 6.92 17.37
N ILE A 153 19.79 6.23 16.30
CA ILE A 153 20.14 6.92 15.07
C ILE A 153 18.92 7.57 14.45
N LEU A 154 17.79 6.86 14.42
CA LEU A 154 16.59 7.45 13.82
C LEU A 154 16.12 8.64 14.64
N LEU A 155 16.20 8.55 15.98
CA LEU A 155 15.87 9.70 16.82
C LEU A 155 16.78 10.87 16.50
N LYS A 156 18.09 10.63 16.45
CA LYS A 156 19.02 11.72 16.22
C LYS A 156 18.76 12.37 14.87
N GLU A 157 18.47 11.56 13.86
CA GLU A 157 18.51 12.05 12.49
C GLU A 157 17.15 12.47 11.95
N LEU A 158 16.05 11.98 12.51
CA LEU A 158 14.72 12.27 11.97
C LEU A 158 13.87 13.17 12.86
N VAL A 159 14.24 13.35 14.11
CA VAL A 159 13.51 14.22 15.03
C VAL A 159 14.31 15.52 15.15
N THR A 160 13.74 16.60 14.61
CA THR A 160 14.41 17.89 14.55
C THR A 160 13.65 18.97 15.33
N SER B 5 -25.20 9.92 -22.92
CA SER B 5 -24.44 8.69 -22.72
C SER B 5 -23.42 8.82 -21.58
N TYR B 6 -22.92 7.69 -21.09
CA TYR B 6 -21.82 7.73 -20.13
C TYR B 6 -20.59 8.40 -20.73
N GLY B 7 -20.38 8.24 -22.05
CA GLY B 7 -19.16 8.75 -22.67
C GLY B 7 -19.03 10.25 -22.58
N SER B 8 -20.12 10.96 -22.82
CA SER B 8 -20.13 12.41 -22.67
C SER B 8 -19.95 12.85 -21.22
N ARG B 9 -20.08 11.94 -20.26
CA ARG B 9 -20.00 12.28 -18.84
C ARG B 9 -18.75 11.76 -18.13
N ILE B 10 -18.07 10.74 -18.67
CA ILE B 10 -16.97 10.14 -17.92
C ILE B 10 -15.78 11.11 -17.89
N GLU B 11 -15.12 11.16 -16.74
CA GLU B 11 -13.97 12.01 -16.48
C GLU B 11 -12.72 11.13 -16.36
N ARG B 12 -11.55 11.76 -16.45
CA ARG B 12 -10.30 11.00 -16.40
C ARG B 12 -10.19 10.21 -15.10
N GLU B 13 -10.56 10.82 -13.97
CA GLU B 13 -10.45 10.12 -12.70
C GLU B 13 -11.35 8.89 -12.67
N GLN B 14 -12.55 8.99 -13.25
CA GLN B 14 -13.44 7.83 -13.29
C GLN B 14 -12.85 6.73 -14.17
N HIS B 15 -12.33 7.09 -15.34
CA HIS B 15 -11.68 6.09 -16.19
C HIS B 15 -10.55 5.41 -15.44
N HIS B 16 -9.71 6.18 -14.72
CA HIS B 16 -8.58 5.60 -14.02
C HIS B 16 -9.05 4.69 -12.87
N LEU B 17 -10.09 5.11 -12.16
CA LEU B 17 -10.62 4.27 -11.08
C LEU B 17 -11.13 2.94 -11.62
N ILE B 18 -11.93 3.00 -12.70
CA ILE B 18 -12.45 1.78 -13.28
C ILE B 18 -11.32 0.90 -13.78
N GLU B 19 -10.34 1.49 -14.47
CA GLU B 19 -9.24 0.69 -14.97
C GLU B 19 -8.47 0.03 -13.83
N SER B 20 -8.28 0.77 -12.73
CA SER B 20 -7.52 0.22 -11.61
C SER B 20 -8.26 -0.94 -10.97
N ILE B 21 -9.59 -0.87 -10.91
CA ILE B 21 -10.34 -2.00 -10.37
C ILE B 21 -10.27 -3.17 -11.34
N GLU B 22 -10.47 -2.91 -12.64
CA GLU B 22 -10.43 -3.98 -13.61
C GLU B 22 -9.09 -4.71 -13.59
N LYS B 23 -7.99 -3.95 -13.61
CA LYS B 23 -6.67 -4.58 -13.71
C LYS B 23 -6.37 -5.38 -12.45
N SER B 24 -6.63 -4.79 -11.27
CA SER B 24 -6.23 -5.44 -10.02
C SER B 24 -7.08 -6.68 -9.76
N THR B 25 -8.38 -6.60 -10.04
CA THR B 25 -9.21 -7.78 -9.78
C THR B 25 -8.91 -8.88 -10.79
N GLN B 26 -8.54 -8.52 -12.02
CA GLN B 26 -8.12 -9.55 -12.98
C GLN B 26 -6.92 -10.30 -12.46
N TYR B 27 -5.90 -9.58 -11.99
CA TYR B 27 -4.70 -10.18 -11.43
C TYR B 27 -5.05 -11.07 -10.25
N MET B 28 -5.92 -10.59 -9.35
CA MET B 28 -6.20 -11.35 -8.13
C MET B 28 -7.08 -12.55 -8.43
N ALA B 29 -7.98 -12.43 -9.42
CA ALA B 29 -8.84 -13.55 -9.78
C ALA B 29 -8.00 -14.73 -10.30
N LYS B 30 -7.04 -14.44 -11.16
CA LYS B 30 -6.16 -15.49 -11.69
C LYS B 30 -5.47 -16.25 -10.57
N ARG B 31 -5.14 -15.57 -9.48
CA ARG B 31 -4.33 -16.13 -8.42
C ARG B 31 -5.15 -16.55 -7.20
N ARG B 32 -6.48 -16.50 -7.30
CA ARG B 32 -7.36 -16.85 -6.18
C ARG B 32 -7.00 -16.08 -4.92
N ILE B 33 -6.73 -14.80 -5.10
CA ILE B 33 -6.46 -13.88 -4.00
C ILE B 33 -7.78 -13.21 -3.62
N GLY B 34 -8.24 -13.44 -2.40
CA GLY B 34 -9.47 -12.81 -1.95
C GLY B 34 -9.30 -11.31 -1.85
N ALA B 35 -10.36 -10.57 -2.22
CA ALA B 35 -10.29 -9.13 -2.20
C ALA B 35 -11.68 -8.56 -1.95
N LEU B 36 -11.72 -7.35 -1.41
CA LEU B 36 -12.98 -6.71 -1.03
C LEU B 36 -12.75 -5.21 -1.16
N ILE B 37 -13.32 -4.60 -2.19
CA ILE B 37 -13.10 -3.20 -2.52
C ILE B 37 -14.45 -2.50 -2.56
N SER B 38 -14.66 -1.53 -1.68
CA SER B 38 -15.93 -0.80 -1.60
C SER B 38 -15.71 0.64 -2.05
N VAL B 39 -16.43 1.06 -3.08
CA VAL B 39 -16.31 2.43 -3.60
C VAL B 39 -17.47 3.26 -3.07
N ALA B 40 -17.17 4.30 -2.32
CA ALA B 40 -18.22 5.15 -1.79
C ALA B 40 -18.83 5.99 -2.90
N ARG B 41 -20.10 6.33 -2.72
CA ARG B 41 -20.76 7.24 -3.63
C ARG B 41 -21.41 8.35 -2.83
N ASP B 42 -22.74 8.45 -2.88
CA ASP B 42 -23.40 9.56 -2.17
C ASP B 42 -23.43 9.35 -0.67
N THR B 43 -23.43 8.11 -0.20
CA THR B 43 -23.49 7.84 1.23
C THR B 43 -22.10 7.87 1.83
N GLY B 44 -21.92 8.69 2.87
CA GLY B 44 -20.65 8.72 3.54
C GLY B 44 -20.32 7.35 4.13
N MET B 45 -19.04 7.00 4.09
CA MET B 45 -18.55 5.76 4.67
C MET B 45 -17.47 6.00 5.72
N ASP B 46 -17.50 7.19 6.33
CA ASP B 46 -16.42 7.59 7.25
C ASP B 46 -16.27 6.63 8.41
N ASP B 47 -17.39 6.23 9.03
CA ASP B 47 -17.34 5.27 10.15
C ASP B 47 -16.64 3.98 9.76
N TYR B 48 -16.85 3.51 8.53
CA TYR B 48 -16.18 2.29 8.10
C TYR B 48 -14.72 2.56 7.77
N ILE B 49 -14.45 3.71 7.14
CA ILE B 49 -13.06 4.10 6.86
C ILE B 49 -12.26 4.13 8.16
N GLU B 50 -12.84 4.75 9.19
CA GLU B 50 -12.15 4.88 10.47
C GLU B 50 -11.85 3.55 11.14
N THR B 51 -12.57 2.48 10.79
CA THR B 51 -12.23 1.19 11.38
C THR B 51 -10.96 0.58 10.80
N GLY B 52 -10.48 1.07 9.66
CA GLY B 52 -9.39 0.44 8.95
C GLY B 52 -8.04 1.03 9.30
N ILE B 53 -7.04 0.68 8.49
CA ILE B 53 -5.72 1.32 8.54
C ILE B 53 -5.71 2.45 7.51
N PRO B 54 -5.49 3.70 7.92
CA PRO B 54 -5.62 4.81 6.98
C PRO B 54 -4.45 4.81 5.99
N LEU B 55 -4.78 4.97 4.72
CA LEU B 55 -3.77 5.08 3.67
C LEU B 55 -3.83 6.40 2.92
N ASN B 56 -5.03 6.90 2.64
CA ASN B 56 -5.22 8.15 1.89
C ASN B 56 -4.32 8.17 0.64
N ALA B 57 -4.34 7.07 -0.10
CA ALA B 57 -3.33 6.83 -1.12
C ALA B 57 -3.85 7.07 -2.54
N LYS B 58 -2.92 7.37 -3.43
CA LYS B 58 -3.26 7.40 -4.85
C LYS B 58 -3.81 6.05 -5.28
N ILE B 59 -4.90 6.05 -6.05
CA ILE B 59 -5.45 4.81 -6.60
C ILE B 59 -4.50 4.26 -7.67
N SER B 60 -4.17 2.98 -7.58
CA SER B 60 -3.43 2.28 -8.62
C SER B 60 -3.77 0.81 -8.53
N SER B 61 -3.67 0.11 -9.67
CA SER B 61 -3.84 -1.34 -9.65
C SER B 61 -2.76 -2.01 -8.80
N GLN B 62 -1.54 -1.48 -8.84
CA GLN B 62 -0.44 -2.10 -8.11
C GLN B 62 -0.64 -2.02 -6.61
N LEU B 63 -1.10 -0.89 -6.10
CA LEU B 63 -1.35 -0.80 -4.67
C LEU B 63 -2.53 -1.67 -4.26
N LEU B 64 -3.60 -1.71 -5.05
CA LEU B 64 -4.71 -2.60 -4.73
C LEU B 64 -4.24 -4.05 -4.64
N ILE B 65 -3.41 -4.50 -5.58
CA ILE B 65 -2.89 -5.86 -5.52
C ILE B 65 -2.07 -6.08 -4.26
N ASN B 66 -1.11 -5.19 -3.98
CA ASN B 66 -0.22 -5.38 -2.83
C ASN B 66 -0.99 -5.43 -1.50
N ILE B 67 -2.08 -4.67 -1.39
CA ILE B 67 -2.91 -4.69 -0.17
C ILE B 67 -3.45 -6.09 0.14
N PHE B 68 -3.93 -6.81 -0.87
CA PHE B 68 -4.65 -8.04 -0.60
C PHE B 68 -3.77 -9.29 -0.66
N ILE B 69 -2.45 -9.15 -0.79
CA ILE B 69 -1.62 -10.34 -0.69
C ILE B 69 -1.94 -11.06 0.62
N PRO B 70 -2.11 -12.38 0.60
CA PRO B 70 -2.58 -13.07 1.81
C PRO B 70 -1.58 -13.02 2.95
N ASN B 71 -2.12 -13.06 4.17
CA ASN B 71 -1.32 -13.17 5.40
C ASN B 71 -0.44 -11.95 5.63
N THR B 72 -0.81 -10.81 5.04
CA THR B 72 -0.13 -9.54 5.23
C THR B 72 -0.95 -8.62 6.13
N PRO B 73 -0.31 -7.59 6.71
CA PRO B 73 -1.02 -6.68 7.61
C PRO B 73 -2.25 -6.00 7.04
N LEU B 74 -2.30 -5.73 5.72
CA LEU B 74 -3.42 -4.98 5.16
C LEU B 74 -4.52 -5.85 4.53
N HIS B 75 -4.35 -7.17 4.43
CA HIS B 75 -5.23 -7.91 3.52
C HIS B 75 -6.60 -8.23 4.13
N ASP B 76 -6.73 -8.22 5.46
CA ASP B 76 -7.87 -8.87 6.14
C ASP B 76 -8.94 -7.83 6.44
N GLY B 77 -9.73 -7.54 5.43
CA GLY B 77 -10.84 -6.62 5.52
C GLY B 77 -11.03 -5.91 4.20
N ALA B 78 -11.70 -4.77 4.24
CA ALA B 78 -12.11 -4.04 3.04
C ALA B 78 -11.16 -2.88 2.74
N VAL B 79 -10.88 -2.69 1.46
CA VAL B 79 -10.42 -1.41 0.94
C VAL B 79 -11.63 -0.52 0.68
N ILE B 80 -11.55 0.72 1.14
CA ILE B 80 -12.60 1.70 0.88
C ILE B 80 -11.99 2.79 0.03
N ILE B 81 -12.59 3.05 -1.13
CA ILE B 81 -12.17 4.13 -2.02
C ILE B 81 -13.14 5.29 -1.85
N LYS B 82 -12.61 6.47 -1.55
CA LYS B 82 -13.45 7.61 -1.23
C LYS B 82 -12.87 8.82 -1.93
N GLY B 83 -13.70 9.47 -2.73
CA GLY B 83 -13.25 10.48 -3.63
C GLY B 83 -12.31 9.83 -4.63
N ASN B 84 -11.08 10.28 -4.63
CA ASN B 84 -10.07 9.82 -5.57
C ASN B 84 -8.88 9.24 -4.84
N GLU B 85 -9.12 8.63 -3.68
CA GLU B 85 -8.06 8.00 -2.92
C GLU B 85 -8.52 6.64 -2.44
N ILE B 86 -7.55 5.75 -2.28
CA ILE B 86 -7.72 4.60 -1.43
C ILE B 86 -7.67 5.11 0.01
N ALA B 87 -8.85 5.21 0.64
CA ALA B 87 -8.94 5.85 1.95
C ALA B 87 -8.35 4.97 3.04
N SER B 88 -8.67 3.68 3.04
CA SER B 88 -8.28 2.79 4.12
C SER B 88 -8.20 1.38 3.56
N ALA B 89 -7.51 0.52 4.31
CA ALA B 89 -7.50 -0.92 4.09
C ALA B 89 -7.83 -1.60 5.40
N ALA B 90 -8.11 -2.90 5.34
CA ALA B 90 -8.42 -3.69 6.53
C ALA B 90 -9.58 -3.08 7.33
N SER B 91 -10.54 -2.50 6.61
CA SER B 91 -11.73 -1.91 7.20
C SER B 91 -12.82 -2.95 7.41
N TYR B 92 -13.61 -2.75 8.47
CA TYR B 92 -14.72 -3.64 8.78
C TYR B 92 -15.99 -3.14 8.11
N LEU B 93 -16.62 -3.99 7.36
CA LEU B 93 -17.92 -3.69 6.81
C LEU B 93 -18.99 -4.46 7.58
N PRO B 94 -20.22 -3.98 7.66
CA PRO B 94 -21.27 -4.76 8.34
C PRO B 94 -21.56 -6.05 7.58
N LEU B 95 -21.82 -7.12 8.33
CA LEU B 95 -22.18 -8.41 7.74
C LEU B 95 -23.70 -8.53 7.55
N SER B 96 -24.12 -8.79 6.32
CA SER B 96 -25.52 -9.08 6.03
C SER B 96 -25.97 -10.35 6.75
N ASP B 97 -27.20 -10.34 7.26
CA ASP B 97 -27.81 -11.56 7.79
C ASP B 97 -28.65 -12.28 6.74
N SER B 98 -28.48 -11.92 5.46
CA SER B 98 -29.34 -12.45 4.41
C SER B 98 -29.24 -13.97 4.34
N PRO B 99 -30.36 -14.69 4.35
CA PRO B 99 -30.32 -16.13 4.12
C PRO B 99 -30.25 -16.52 2.67
N PHE B 100 -30.30 -15.53 1.76
CA PHE B 100 -30.34 -15.78 0.33
C PHE B 100 -28.96 -15.81 -0.29
N LEU B 101 -27.96 -15.34 0.45
CA LEU B 101 -26.59 -15.38 0.01
C LEU B 101 -26.11 -16.84 0.00
N SER B 102 -25.62 -17.29 -1.15
CA SER B 102 -25.25 -18.69 -1.31
C SER B 102 -24.33 -19.14 -0.18
N LYS B 103 -24.56 -20.36 0.31
CA LYS B 103 -23.80 -20.83 1.46
C LYS B 103 -22.32 -20.96 1.14
N GLU B 104 -21.98 -21.14 -0.14
CA GLU B 104 -20.60 -21.31 -0.58
C GLU B 104 -19.84 -19.99 -0.69
N LEU B 105 -20.47 -18.88 -0.35
CA LEU B 105 -19.81 -17.59 -0.33
C LEU B 105 -19.42 -17.25 1.10
N GLY B 106 -18.26 -16.62 1.25
CA GLY B 106 -17.64 -16.44 2.55
C GLY B 106 -17.87 -15.07 3.15
N THR B 107 -17.05 -14.76 4.15
CA THR B 107 -17.19 -13.54 4.93
C THR B 107 -17.07 -12.29 4.06
N ARG B 108 -16.13 -12.27 3.10
CA ARG B 108 -15.98 -11.13 2.20
C ARG B 108 -17.29 -10.81 1.49
N HIS B 109 -17.95 -11.84 0.97
CA HIS B 109 -19.18 -11.59 0.22
C HIS B 109 -20.26 -11.06 1.15
N ARG B 110 -20.31 -11.59 2.37
CA ARG B 110 -21.35 -11.18 3.30
C ARG B 110 -21.12 -9.76 3.79
N ALA B 111 -19.83 -9.37 3.95
CA ALA B 111 -19.48 -7.97 4.20
C ALA B 111 -19.82 -7.06 3.02
N ALA B 112 -19.52 -7.49 1.80
CA ALA B 112 -19.93 -6.72 0.63
C ALA B 112 -21.44 -6.54 0.59
N LEU B 113 -22.20 -7.61 0.88
CA LEU B 113 -23.65 -7.48 0.85
C LEU B 113 -24.12 -6.56 1.96
N GLY B 114 -23.51 -6.69 3.15
CA GLY B 114 -23.92 -5.87 4.27
C GLY B 114 -23.74 -4.39 4.03
N ILE B 115 -22.61 -4.00 3.42
CA ILE B 115 -22.41 -2.57 3.25
C ILE B 115 -23.36 -2.06 2.18
N SER B 116 -23.68 -2.91 1.20
CA SER B 116 -24.64 -2.52 0.16
C SER B 116 -26.05 -2.32 0.70
N GLU B 117 -26.36 -2.88 1.88
CA GLU B 117 -27.70 -2.71 2.43
C GLU B 117 -27.89 -1.39 3.15
N VAL B 118 -26.82 -0.72 3.56
CA VAL B 118 -26.90 0.49 4.35
C VAL B 118 -26.20 1.67 3.70
N THR B 119 -25.64 1.48 2.50
CA THR B 119 -25.05 2.55 1.72
C THR B 119 -25.41 2.34 0.26
N ASP B 120 -25.18 3.38 -0.55
CA ASP B 120 -25.28 3.27 -1.99
C ASP B 120 -23.93 2.98 -2.64
N SER B 121 -23.00 2.41 -1.89
N SER B 121 -23.00 2.38 -1.89
CA SER B 121 -21.68 2.14 -2.45
CA SER B 121 -21.68 2.09 -2.41
C SER B 121 -21.75 0.94 -3.40
C SER B 121 -21.74 0.91 -3.39
N ILE B 122 -20.77 0.86 -4.31
CA ILE B 122 -20.56 -0.28 -5.19
C ILE B 122 -19.37 -1.06 -4.66
N THR B 123 -19.56 -2.36 -4.42
CA THR B 123 -18.50 -3.16 -3.82
C THR B 123 -18.16 -4.33 -4.72
N ILE B 124 -16.86 -4.56 -4.88
CA ILE B 124 -16.32 -5.62 -5.71
C ILE B 124 -15.62 -6.63 -4.80
N VAL B 125 -15.85 -7.92 -5.06
CA VAL B 125 -15.28 -9.02 -4.29
C VAL B 125 -14.58 -9.94 -5.26
N VAL B 126 -13.42 -10.46 -4.87
CA VAL B 126 -12.79 -11.58 -5.56
C VAL B 126 -12.80 -12.75 -4.58
N SER B 127 -13.30 -13.90 -5.04
CA SER B 127 -13.37 -15.08 -4.18
C SER B 127 -12.00 -15.74 -4.10
N GLU B 128 -11.49 -15.93 -2.88
CA GLU B 128 -10.25 -16.69 -2.75
C GLU B 128 -10.45 -18.18 -3.00
N GLU B 129 -11.71 -18.64 -3.03
CA GLU B 129 -11.96 -20.05 -3.29
C GLU B 129 -11.97 -20.33 -4.79
N THR B 130 -12.68 -19.51 -5.56
CA THR B 130 -12.90 -19.75 -6.98
C THR B 130 -12.20 -18.76 -7.90
N GLY B 131 -11.82 -17.58 -7.41
CA GLY B 131 -11.39 -16.51 -8.29
C GLY B 131 -12.52 -15.75 -8.92
N GLY B 132 -13.77 -16.15 -8.70
CA GLY B 132 -14.89 -15.44 -9.28
C GLY B 132 -14.98 -14.03 -8.73
N ILE B 133 -15.40 -13.10 -9.59
CA ILE B 133 -15.57 -11.70 -9.20
C ILE B 133 -17.06 -11.47 -8.98
N SER B 134 -17.42 -10.80 -7.89
CA SER B 134 -18.82 -10.52 -7.61
C SER B 134 -18.95 -9.03 -7.30
N LEU B 135 -20.19 -8.54 -7.44
CA LEU B 135 -20.52 -7.15 -7.14
C LEU B 135 -21.71 -7.10 -6.20
N THR B 136 -21.74 -6.09 -5.32
CA THR B 136 -22.95 -5.83 -4.54
C THR B 136 -23.38 -4.38 -4.70
N LYS B 137 -24.70 -4.20 -4.69
CA LYS B 137 -25.34 -2.90 -4.83
C LYS B 137 -26.76 -3.01 -4.28
N GLY B 138 -27.15 -2.07 -3.43
CA GLY B 138 -28.55 -1.97 -2.98
C GLY B 138 -29.11 -3.25 -2.37
N GLY B 139 -28.28 -3.98 -1.64
CA GLY B 139 -28.76 -5.16 -0.93
C GLY B 139 -28.77 -6.42 -1.75
N GLU B 140 -28.18 -6.42 -2.94
CA GLU B 140 -28.18 -7.57 -3.83
C GLU B 140 -26.76 -7.89 -4.28
N LEU B 141 -26.55 -9.14 -4.66
CA LEU B 141 -25.25 -9.59 -5.13
C LEU B 141 -25.37 -10.15 -6.55
N PHE B 142 -24.40 -9.80 -7.39
CA PHE B 142 -24.27 -10.32 -8.75
C PHE B 142 -22.98 -11.15 -8.76
N ARG B 143 -23.12 -12.47 -8.94
CA ARG B 143 -22.05 -13.41 -8.66
C ARG B 143 -21.33 -13.85 -9.94
N ASP B 144 -20.02 -13.98 -9.86
CA ASP B 144 -19.19 -14.54 -10.94
C ASP B 144 -19.42 -13.80 -12.26
N VAL B 145 -19.04 -12.52 -12.27
CA VAL B 145 -19.29 -11.64 -13.42
C VAL B 145 -18.16 -11.79 -14.44
N SER B 146 -18.51 -11.71 -15.72
CA SER B 146 -17.46 -11.68 -16.72
C SER B 146 -16.76 -10.33 -16.70
N GLU B 147 -15.64 -10.25 -17.43
CA GLU B 147 -14.94 -8.98 -17.55
C GLU B 147 -15.83 -7.95 -18.23
N GLU B 148 -16.58 -8.37 -19.25
N GLU B 148 -16.56 -8.37 -19.27
CA GLU B 148 -17.48 -7.45 -19.93
CA GLU B 148 -17.48 -7.47 -19.94
C GLU B 148 -18.62 -6.99 -19.03
C GLU B 148 -18.57 -6.97 -18.98
N GLU B 149 -19.11 -7.87 -18.15
CA GLU B 149 -20.18 -7.47 -17.24
C GLU B 149 -19.66 -6.54 -16.15
N LEU B 150 -18.47 -6.82 -15.61
CA LEU B 150 -17.87 -5.94 -14.61
C LEU B 150 -17.70 -4.53 -15.18
N HIS B 151 -17.18 -4.43 -16.39
CA HIS B 151 -16.95 -3.13 -17.00
C HIS B 151 -18.27 -2.37 -17.16
N LYS B 152 -19.30 -3.03 -17.68
CA LYS B 152 -20.56 -2.35 -17.92
C LYS B 152 -21.18 -1.85 -16.61
N ILE B 153 -21.10 -2.66 -15.55
CA ILE B 153 -21.67 -2.25 -14.27
C ILE B 153 -20.84 -1.14 -13.62
N LEU B 154 -19.50 -1.25 -13.65
CA LEU B 154 -18.68 -0.17 -13.11
C LEU B 154 -18.92 1.14 -13.86
N LEU B 155 -19.03 1.07 -15.19
CA LEU B 155 -19.37 2.27 -15.95
C LEU B 155 -20.67 2.86 -15.45
N LYS B 156 -21.71 2.03 -15.38
CA LYS B 156 -23.02 2.54 -15.03
C LYS B 156 -23.02 3.19 -13.66
N GLU B 157 -22.37 2.54 -12.69
CA GLU B 157 -22.49 2.97 -11.31
C GLU B 157 -21.44 3.98 -10.89
N LEU B 158 -20.28 4.03 -11.53
CA LEU B 158 -19.26 4.98 -11.13
C LEU B 158 -19.24 6.24 -11.99
N VAL B 159 -20.03 6.29 -13.07
CA VAL B 159 -20.12 7.48 -13.92
C VAL B 159 -21.53 8.08 -13.85
C4 4AQ C . -7.31 -2.43 -19.22
C5 4AQ C . -8.47 -1.52 -19.24
C6 4AQ C . -10.82 -1.40 -20.01
N1 4AQ C . -9.53 -2.11 -20.10
C7 4AQ C . -10.62 -0.01 -20.57
C8 4AQ C . -11.19 1.04 -19.66
N2 4AQ C . -11.56 2.36 -17.90
C9 4AQ C . -10.76 1.39 -18.43
C10 4AQ C . -12.54 2.67 -18.81
C11 4AQ C . -12.34 1.85 -19.94
C12 4AQ C . -13.22 1.96 -21.01
C13 4AQ C . -14.27 2.88 -20.95
C14 4AQ C . -14.43 3.69 -19.84
C15 4AQ C . -13.58 3.59 -18.75
C 4AQ C . -8.36 -4.29 -17.77
N 4AQ C . -7.28 -3.68 -18.55
C3 4AQ C . -6.08 -2.28 -19.83
C2 4AQ C . -5.29 -3.43 -19.54
C1 4AQ C . -6.04 -4.26 -18.77
#